data_6U3L
#
_entry.id   6U3L
#
_cell.length_a   52.050
_cell.length_b   52.050
_cell.length_c   104.700
_cell.angle_alpha   90.000
_cell.angle_beta   90.000
_cell.angle_gamma   120.000
#
_symmetry.space_group_name_H-M   'P 31 2 1'
#
loop_
_entity.id
_entity.type
_entity.pdbx_description
1 polymer 'Hemerythrin HHE cation binding domain protein'
2 non-polymer 1,2-ETHANEDIOL
3 water water
#
_entity_poly.entity_id   1
_entity_poly.type   'polypeptide(L)'
_entity_poly.pdbx_seq_one_letter_code
;MAHHHHHHMVNAYEVLKEHHVVIKGLGRKISEAPVNSEERHALFDELLIELDIHFRIEDDLYYPALSAATKLIAVAHAEH
RQVIDQLSVLLRTPQSEPGYEDEWNSFKTVLEAHADEEERDMIPAPPEVKITDAELEELGEKMAARMEQYRGSALYKLRT
KGRAALVRSL
;
_entity_poly.pdbx_strand_id   A
#
loop_
_chem_comp.id
_chem_comp.type
_chem_comp.name
_chem_comp.formula
EDO non-polymer 1,2-ETHANEDIOL 'C2 H6 O2'
#
# COMPACT_ATOMS: atom_id res chain seq x y z
N MET A 9 13.45 -6.54 18.87
CA MET A 9 12.04 -6.45 18.53
C MET A 9 11.69 -5.17 17.77
N VAL A 10 10.88 -5.32 16.72
CA VAL A 10 10.40 -4.21 15.90
C VAL A 10 8.96 -3.92 16.31
N ASN A 11 8.57 -2.65 16.25
CA ASN A 11 7.21 -2.27 16.63
C ASN A 11 6.38 -1.92 15.41
N ALA A 12 5.09 -1.77 15.66
CA ALA A 12 4.13 -1.62 14.58
C ALA A 12 4.41 -0.37 13.74
N TYR A 13 4.85 0.72 14.40
CA TYR A 13 5.12 1.96 13.68
C TYR A 13 6.29 1.79 12.72
N GLU A 14 7.37 1.16 13.20
CA GLU A 14 8.55 0.96 12.36
C GLU A 14 8.23 0.06 11.18
N VAL A 15 7.40 -0.97 11.38
CA VAL A 15 7.03 -1.82 10.24
C VAL A 15 6.37 -0.99 9.16
N LEU A 16 5.43 -0.13 9.56
CA LEU A 16 4.67 0.62 8.58
C LEU A 16 5.50 1.74 7.96
N LYS A 17 6.31 2.42 8.77
CA LYS A 17 7.11 3.51 8.20
C LYS A 17 8.17 2.97 7.24
N GLU A 18 8.83 1.88 7.60
CA GLU A 18 9.83 1.33 6.68
C GLU A 18 9.19 0.80 5.41
N HIS A 19 7.98 0.25 5.51
CA HIS A 19 7.34 -0.21 4.28
C HIS A 19 6.88 0.96 3.42
N HIS A 20 6.50 2.09 4.05
CA HIS A 20 6.18 3.27 3.26
CA HIS A 20 6.20 3.30 3.29
C HIS A 20 7.40 3.74 2.46
N VAL A 21 8.59 3.66 3.06
CA VAL A 21 9.82 4.03 2.35
C VAL A 21 10.01 3.16 1.12
N VAL A 22 9.74 1.86 1.25
CA VAL A 22 9.79 0.94 0.11
C VAL A 22 8.82 1.39 -0.98
N ILE A 23 7.59 1.67 -0.60
CA ILE A 23 6.56 2.03 -1.58
C ILE A 23 6.94 3.35 -2.26
N LYS A 24 7.37 4.32 -1.46
CA LYS A 24 7.76 5.61 -2.02
C LYS A 24 8.93 5.44 -2.97
N GLY A 25 9.86 4.54 -2.62
CA GLY A 25 11.01 4.34 -3.48
C GLY A 25 10.61 3.71 -4.80
N LEU A 26 9.68 2.76 -4.76
CA LEU A 26 9.17 2.19 -6.00
C LEU A 26 8.44 3.24 -6.83
N GLY A 27 7.64 4.08 -6.17
CA GLY A 27 7.02 5.21 -6.87
C GLY A 27 8.03 6.10 -7.58
N ARG A 28 9.15 6.39 -6.93
CA ARG A 28 10.16 7.25 -7.56
C ARG A 28 10.81 6.53 -8.74
N LYS A 29 11.17 5.26 -8.56
CA LYS A 29 11.84 4.50 -9.62
C LYS A 29 10.93 4.35 -10.84
N ILE A 30 9.64 4.12 -10.60
CA ILE A 30 8.66 4.07 -11.69
C ILE A 30 8.64 5.41 -12.44
N SER A 31 8.52 6.52 -11.70
CA SER A 31 8.51 7.84 -12.33
C SER A 31 9.77 8.10 -13.14
N GLU A 32 10.90 7.56 -12.72
CA GLU A 32 12.18 7.83 -13.37
C GLU A 32 12.44 6.95 -14.58
N ALA A 33 11.72 5.85 -14.71
CA ALA A 33 11.94 4.91 -15.81
C ALA A 33 11.18 5.37 -17.04
N PRO A 34 11.71 5.11 -18.25
CA PRO A 34 11.02 5.55 -19.47
C PRO A 34 9.61 5.00 -19.55
N VAL A 35 8.69 5.83 -20.07
CA VAL A 35 7.32 5.37 -20.19
C VAL A 35 7.24 4.19 -21.15
N ASN A 36 6.53 3.13 -20.74
CA ASN A 36 6.37 1.89 -21.49
C ASN A 36 7.66 1.08 -21.60
N SER A 37 8.70 1.40 -20.82
CA SER A 37 9.88 0.56 -20.84
C SER A 37 9.60 -0.75 -20.11
N GLU A 38 10.38 -1.77 -20.46
CA GLU A 38 10.30 -3.04 -19.74
C GLU A 38 10.56 -2.84 -18.26
N GLU A 39 11.52 -1.97 -17.94
CA GLU A 39 11.84 -1.70 -16.54
C GLU A 39 10.66 -1.11 -15.79
N ARG A 40 9.95 -0.16 -16.42
CA ARG A 40 8.81 0.46 -15.75
C ARG A 40 7.66 -0.51 -15.53
N HIS A 41 7.42 -1.40 -16.50
CA HIS A 41 6.36 -2.41 -16.32
C HIS A 41 6.67 -3.31 -15.12
N ALA A 42 7.93 -3.77 -14.99
CA ALA A 42 8.25 -4.64 -13.84
C ALA A 42 8.12 -3.89 -12.53
N LEU A 43 8.61 -2.65 -12.49
CA LEU A 43 8.53 -1.86 -11.27
C LEU A 43 7.08 -1.60 -10.88
N PHE A 44 6.22 -1.41 -11.87
CA PHE A 44 4.83 -1.15 -11.56
C PHE A 44 4.19 -2.39 -10.92
N ASP A 45 4.48 -3.57 -11.46
CA ASP A 45 3.96 -4.79 -10.85
C ASP A 45 4.46 -4.95 -9.42
N GLU A 46 5.73 -4.61 -9.20
CA GLU A 46 6.29 -4.68 -7.85
C GLU A 46 5.55 -3.76 -6.89
N LEU A 47 5.22 -2.55 -7.37
CA LEU A 47 4.48 -1.60 -6.54
C LEU A 47 3.10 -2.15 -6.19
N LEU A 48 2.43 -2.79 -7.15
CA LEU A 48 1.11 -3.36 -6.86
C LEU A 48 1.19 -4.39 -5.76
N ILE A 49 2.22 -5.25 -5.81
CA ILE A 49 2.40 -6.24 -4.74
C ILE A 49 2.60 -5.55 -3.41
N GLU A 50 3.48 -4.56 -3.35
CA GLU A 50 3.70 -3.93 -2.05
C GLU A 50 2.49 -3.15 -1.58
N LEU A 51 1.73 -2.54 -2.48
CA LEU A 51 0.52 -1.83 -2.07
C LEU A 51 -0.49 -2.80 -1.50
N ASP A 52 -0.71 -3.92 -2.19
CA ASP A 52 -1.60 -4.98 -1.71
C ASP A 52 -1.31 -5.35 -0.27
N ILE A 53 -0.05 -5.68 0.02
CA ILE A 53 0.25 -6.18 1.34
C ILE A 53 0.22 -5.06 2.38
N HIS A 54 0.53 -3.82 2.00
CA HIS A 54 0.43 -2.69 2.94
C HIS A 54 -1.01 -2.49 3.39
N PHE A 55 -1.94 -2.45 2.45
CA PHE A 55 -3.33 -2.21 2.82
C PHE A 55 -3.86 -3.39 3.63
N ARG A 56 -3.40 -4.58 3.29
CA ARG A 56 -3.91 -5.77 3.97
C ARG A 56 -3.44 -5.83 5.42
N ILE A 57 -2.17 -5.51 5.67
CA ILE A 57 -1.75 -5.56 7.08
C ILE A 57 -2.40 -4.43 7.85
N GLU A 58 -2.63 -3.28 7.22
CA GLU A 58 -3.40 -2.21 7.87
C GLU A 58 -4.80 -2.68 8.22
N ASP A 59 -5.53 -3.23 7.25
CA ASP A 59 -6.91 -3.63 7.48
C ASP A 59 -6.99 -4.76 8.50
N ASP A 60 -6.04 -5.69 8.43
CA ASP A 60 -6.21 -6.96 9.14
C ASP A 60 -5.60 -6.97 10.54
N LEU A 61 -4.63 -6.10 10.80
CA LEU A 61 -3.92 -6.10 12.07
C LEU A 61 -3.81 -4.71 12.68
N TYR A 62 -3.36 -3.71 11.90
CA TYR A 62 -3.06 -2.42 12.49
C TYR A 62 -4.32 -1.67 12.90
N TYR A 63 -5.27 -1.51 11.97
CA TYR A 63 -6.49 -0.80 12.32
C TYR A 63 -7.28 -1.50 13.41
N PRO A 64 -7.41 -2.83 13.45
CA PRO A 64 -8.13 -3.43 14.58
C PRO A 64 -7.50 -3.08 15.92
N ALA A 65 -6.17 -3.02 15.98
CA ALA A 65 -5.52 -2.64 17.22
C ALA A 65 -5.81 -1.18 17.56
N LEU A 66 -6.08 -0.36 16.56
CA LEU A 66 -6.35 1.06 16.73
C LEU A 66 -7.83 1.39 16.64
N SER A 67 -8.70 0.38 16.83
CA SER A 67 -10.12 0.54 16.50
C SER A 67 -10.79 1.61 17.33
N ALA A 68 -10.22 1.99 18.49
CA ALA A 68 -10.86 3.03 19.30
C ALA A 68 -10.95 4.36 18.55
N ALA A 69 -10.14 4.56 17.53
CA ALA A 69 -10.17 5.82 16.78
C ALA A 69 -11.12 5.64 15.58
N THR A 70 -12.42 5.59 15.91
CA THR A 70 -13.38 5.09 14.94
C THR A 70 -13.48 6.01 13.72
N LYS A 71 -13.54 7.33 13.93
CA LYS A 71 -13.63 8.26 12.80
C LYS A 71 -12.39 8.16 11.91
N LEU A 72 -11.20 8.12 12.51
CA LEU A 72 -9.97 8.04 11.72
C LEU A 72 -9.84 6.71 11.00
N ILE A 73 -10.36 5.62 11.58
CA ILE A 73 -10.36 4.34 10.90
C ILE A 73 -11.26 4.40 9.67
N ALA A 74 -12.43 5.02 9.82
CA ALA A 74 -13.32 5.23 8.68
C ALA A 74 -12.61 6.01 7.58
N VAL A 75 -11.94 7.10 7.97
CA VAL A 75 -11.22 7.91 6.99
C VAL A 75 -10.15 7.08 6.30
N ALA A 76 -9.44 6.25 7.07
CA ALA A 76 -8.38 5.43 6.51
C ALA A 76 -8.91 4.44 5.49
N HIS A 77 -10.02 3.75 5.81
CA HIS A 77 -10.62 2.84 4.84
C HIS A 77 -11.09 3.60 3.60
N ALA A 78 -11.66 4.79 3.79
CA ALA A 78 -12.07 5.57 2.64
C ALA A 78 -10.86 5.98 1.79
N GLU A 79 -9.73 6.30 2.43
CA GLU A 79 -8.53 6.59 1.66
C GLU A 79 -8.07 5.39 0.85
N HIS A 80 -8.18 4.18 1.42
CA HIS A 80 -7.90 2.97 0.66
C HIS A 80 -8.75 2.89 -0.60
N ARG A 81 -10.04 3.24 -0.49
CA ARG A 81 -10.91 3.19 -1.66
C ARG A 81 -10.50 4.22 -2.69
N GLN A 82 -9.99 5.37 -2.24
CA GLN A 82 -9.45 6.37 -3.15
C GLN A 82 -8.35 5.77 -4.00
N VAL A 83 -7.40 5.11 -3.37
CA VAL A 83 -6.28 4.55 -4.13
C VAL A 83 -6.76 3.47 -5.06
N ILE A 84 -7.66 2.59 -4.59
CA ILE A 84 -8.14 1.50 -5.44
C ILE A 84 -8.93 2.04 -6.62
N ASP A 85 -9.77 3.05 -6.39
CA ASP A 85 -10.55 3.59 -7.50
C ASP A 85 -9.66 4.28 -8.52
N GLN A 86 -8.65 5.02 -8.05
CA GLN A 86 -7.75 5.66 -9.01
C GLN A 86 -6.92 4.62 -9.77
N LEU A 87 -6.53 3.53 -9.09
CA LEU A 87 -5.82 2.46 -9.78
C LEU A 87 -6.63 1.91 -10.95
N SER A 88 -7.94 1.76 -10.76
CA SER A 88 -8.78 1.28 -11.86
CA SER A 88 -8.80 1.29 -11.86
C SER A 88 -8.73 2.23 -13.06
N VAL A 89 -8.73 3.55 -12.82
CA VAL A 89 -8.62 4.49 -13.92
C VAL A 89 -7.26 4.34 -14.60
N LEU A 90 -6.19 4.30 -13.80
CA LEU A 90 -4.84 4.14 -14.36
C LEU A 90 -4.74 2.91 -15.24
N LEU A 91 -5.30 1.79 -14.80
CA LEU A 91 -5.14 0.55 -15.56
C LEU A 91 -5.94 0.56 -16.86
N ARG A 92 -6.81 1.52 -17.07
CA ARG A 92 -7.51 1.63 -18.34
C ARG A 92 -6.66 2.29 -19.42
N THR A 93 -5.54 2.92 -19.07
CA THR A 93 -4.66 3.56 -20.05
C THR A 93 -3.34 2.80 -20.15
N PRO A 94 -3.08 2.09 -21.24
CA PRO A 94 -1.77 1.44 -21.42
C PRO A 94 -0.63 2.46 -21.43
N GLN A 95 0.56 2.01 -21.01
CA GLN A 95 1.68 2.93 -20.92
C GLN A 95 2.03 3.54 -22.28
N SER A 96 1.64 2.89 -23.37
CA SER A 96 1.97 3.41 -24.70
C SER A 96 1.06 4.57 -25.15
N GLU A 97 -0.06 4.81 -24.44
CA GLU A 97 -1.04 5.81 -24.86
C GLU A 97 -0.57 7.20 -24.45
N PRO A 98 -0.88 8.22 -25.25
CA PRO A 98 -0.35 9.57 -24.97
C PRO A 98 -0.65 10.10 -23.58
N GLY A 99 -1.88 9.94 -23.07
CA GLY A 99 -2.15 10.49 -21.75
C GLY A 99 -1.69 9.66 -20.56
N TYR A 100 -0.87 8.63 -20.76
CA TYR A 100 -0.51 7.74 -19.66
CA TYR A 100 -0.51 7.74 -19.65
C TYR A 100 0.20 8.49 -18.54
N GLU A 101 1.25 9.25 -18.87
CA GLU A 101 2.03 9.88 -17.82
C GLU A 101 1.16 10.78 -16.94
N ASP A 102 0.21 11.50 -17.55
CA ASP A 102 -0.77 12.26 -16.78
C ASP A 102 -1.50 11.36 -15.79
N GLU A 103 -1.92 10.17 -16.25
CA GLU A 103 -2.68 9.25 -15.40
C GLU A 103 -1.81 8.70 -14.28
N TRP A 104 -0.55 8.35 -14.58
CA TRP A 104 0.36 7.92 -13.52
C TRP A 104 0.53 9.01 -12.47
N ASN A 105 0.72 10.26 -12.90
CA ASN A 105 0.94 11.30 -11.91
C ASN A 105 -0.31 11.51 -11.07
N SER A 106 -1.49 11.32 -11.64
CA SER A 106 -2.71 11.44 -10.86
C SER A 106 -2.79 10.32 -9.84
N PHE A 107 -2.39 9.11 -10.25
CA PHE A 107 -2.38 7.99 -9.32
C PHE A 107 -1.36 8.20 -8.22
N LYS A 108 -0.15 8.63 -8.59
CA LYS A 108 0.91 8.89 -7.62
C LYS A 108 0.44 9.95 -6.63
N THR A 109 -0.32 10.94 -7.10
CA THR A 109 -0.85 11.96 -6.20
C THR A 109 -1.79 11.35 -5.17
N VAL A 110 -2.72 10.49 -5.62
CA VAL A 110 -3.63 9.86 -4.67
C VAL A 110 -2.88 8.97 -3.70
N LEU A 111 -1.88 8.23 -4.20
CA LEU A 111 -1.05 7.40 -3.34
C LEU A 111 -0.37 8.23 -2.24
N GLU A 112 0.21 9.36 -2.63
CA GLU A 112 0.88 10.24 -1.67
C GLU A 112 -0.11 10.88 -0.71
N ALA A 113 -1.37 11.02 -1.11
CA ALA A 113 -2.40 11.52 -0.18
C ALA A 113 -2.77 10.47 0.85
N HIS A 114 -2.81 9.20 0.46
CA HIS A 114 -2.99 8.14 1.43
C HIS A 114 -1.86 8.14 2.46
N ALA A 115 -0.62 8.11 1.99
CA ALA A 115 0.52 8.00 2.88
C ALA A 115 0.61 9.18 3.81
N ASP A 116 0.30 10.39 3.32
CA ASP A 116 0.32 11.58 4.17
C ASP A 116 -0.74 11.49 5.27
N GLU A 117 -1.98 11.13 4.90
CA GLU A 117 -3.04 11.02 5.90
C GLU A 117 -2.68 10.00 6.97
N GLU A 118 -2.12 8.85 6.57
CA GLU A 118 -1.70 7.85 7.54
C GLU A 118 -0.61 8.39 8.45
N GLU A 119 0.43 8.99 7.88
CA GLU A 119 1.53 9.51 8.69
C GLU A 119 1.08 10.67 9.57
N ARG A 120 0.06 11.41 9.15
CA ARG A 120 -0.45 12.50 9.99
C ARG A 120 -1.30 11.95 11.14
N ASP A 121 -2.24 11.07 10.82
CA ASP A 121 -3.32 10.76 11.75
C ASP A 121 -3.20 9.41 12.43
N MET A 122 -2.41 8.48 11.90
CA MET A 122 -2.49 7.09 12.36
C MET A 122 -1.16 6.51 12.85
N ILE A 123 -0.03 7.17 12.61
CA ILE A 123 1.26 6.73 13.14
C ILE A 123 1.92 7.92 13.84
N PRO A 124 2.14 7.88 15.16
CA PRO A 124 1.65 6.88 16.12
C PRO A 124 0.14 6.88 16.27
N ALA A 125 -0.34 5.96 17.08
CA ALA A 125 -1.78 5.78 17.26
C ALA A 125 -2.42 7.06 17.81
N PRO A 126 -3.65 7.35 17.41
CA PRO A 126 -4.37 8.49 17.97
C PRO A 126 -4.49 8.38 19.47
N PRO A 127 -4.77 9.48 20.16
CA PRO A 127 -4.87 9.43 21.63
C PRO A 127 -5.98 8.56 22.16
N GLU A 128 -7.09 8.42 21.42
CA GLU A 128 -8.15 7.47 21.79
C GLU A 128 -7.59 6.09 22.09
N VAL A 129 -6.48 5.74 21.46
CA VAL A 129 -5.97 4.37 21.49
C VAL A 129 -5.04 4.24 22.68
N LYS A 130 -5.42 3.40 23.64
CA LYS A 130 -4.55 3.01 24.73
C LYS A 130 -3.72 1.83 24.25
N ILE A 131 -2.43 2.06 24.00
CA ILE A 131 -1.56 1.00 23.53
C ILE A 131 -0.18 1.21 24.10
N THR A 132 0.40 0.16 24.66
CA THR A 132 1.68 0.25 25.31
C THR A 132 2.80 -0.07 24.35
N ASP A 133 4.02 0.26 24.75
CA ASP A 133 5.19 -0.12 23.94
C ASP A 133 5.27 -1.62 23.75
N ALA A 134 4.96 -2.40 24.79
CA ALA A 134 4.99 -3.85 24.64
C ALA A 134 3.90 -4.33 23.68
N GLU A 135 2.71 -3.74 23.76
CA GLU A 135 1.66 -4.10 22.81
C GLU A 135 2.07 -3.72 21.38
N LEU A 136 2.75 -2.59 21.22
CA LEU A 136 3.19 -2.17 19.89
C LEU A 136 4.27 -3.11 19.34
N GLU A 137 5.08 -3.70 20.21
CA GLU A 137 6.12 -4.61 19.73
C GLU A 137 5.52 -5.94 19.29
N GLU A 138 4.60 -6.49 20.08
CA GLU A 138 3.93 -7.72 19.68
C GLU A 138 3.18 -7.52 18.36
N LEU A 139 2.46 -6.41 18.25
CA LEU A 139 1.74 -6.12 17.02
C LEU A 139 2.71 -5.99 15.85
N GLY A 140 3.83 -5.29 16.07
CA GLY A 140 4.84 -5.15 15.03
C GLY A 140 5.37 -6.49 14.57
N GLU A 141 5.60 -7.41 15.53
CA GLU A 141 6.10 -8.72 15.15
C GLU A 141 5.07 -9.49 14.32
N LYS A 142 3.79 -9.45 14.74
CA LYS A 142 2.74 -10.10 13.96
C LYS A 142 2.63 -9.49 12.57
N MET A 143 2.70 -8.17 12.49
CA MET A 143 2.56 -7.49 11.21
C MET A 143 3.70 -7.84 10.26
N ALA A 144 4.94 -7.86 10.77
CA ALA A 144 6.07 -8.26 9.93
C ALA A 144 5.88 -9.66 9.37
N ALA A 145 5.43 -10.60 10.21
CA ALA A 145 5.23 -11.98 9.74
C ALA A 145 4.08 -12.05 8.74
N ARG A 146 3.00 -11.34 9.02
CA ARG A 146 1.84 -11.42 8.15
C ARG A 146 2.13 -10.75 6.81
N MET A 147 2.94 -9.69 6.82
CA MET A 147 3.30 -9.03 5.57
CA MET A 147 3.29 -9.04 5.57
C MET A 147 4.08 -9.98 4.67
N GLU A 148 4.98 -10.77 5.27
CA GLU A 148 5.69 -11.80 4.52
C GLU A 148 4.72 -12.83 3.92
N GLN A 149 3.79 -13.33 4.74
CA GLN A 149 2.79 -14.24 4.23
C GLN A 149 2.01 -13.61 3.07
N TYR A 150 1.60 -12.35 3.23
CA TYR A 150 0.80 -11.68 2.22
C TYR A 150 1.59 -11.44 0.94
N ARG A 151 2.89 -11.17 1.08
CA ARG A 151 3.70 -10.99 -0.13
C ARG A 151 3.78 -12.29 -0.90
N GLY A 152 3.87 -13.42 -0.17
CA GLY A 152 3.90 -14.70 -0.84
C GLY A 152 2.62 -14.98 -1.61
N SER A 153 1.45 -14.68 -1.00
CA SER A 153 0.17 -14.89 -1.68
CA SER A 153 0.21 -14.95 -1.71
CA SER A 153 0.19 -14.91 -1.69
C SER A 153 0.01 -13.96 -2.86
N ALA A 154 0.43 -12.71 -2.69
CA ALA A 154 0.33 -11.72 -3.77
C ALA A 154 1.23 -12.12 -4.94
N LEU A 155 2.47 -12.53 -4.65
CA LEU A 155 3.37 -13.03 -5.68
C LEU A 155 2.76 -14.20 -6.41
N TYR A 156 2.23 -15.14 -5.66
CA TYR A 156 1.63 -16.31 -6.25
C TYR A 156 0.46 -15.93 -7.13
N LYS A 157 -0.36 -14.99 -6.66
CA LYS A 157 -1.48 -14.53 -7.47
C LYS A 157 -1.00 -13.89 -8.76
N LEU A 158 -0.01 -13.00 -8.66
CA LEU A 158 0.53 -12.35 -9.86
C LEU A 158 1.11 -13.40 -10.80
N ARG A 159 1.85 -14.36 -10.26
CA ARG A 159 2.58 -15.31 -11.12
C ARG A 159 1.64 -16.30 -11.77
N THR A 160 0.67 -16.83 -11.02
CA THR A 160 -0.21 -17.87 -11.55
C THR A 160 -1.49 -17.33 -12.16
N LYS A 161 -2.01 -16.20 -11.67
CA LYS A 161 -3.28 -15.66 -12.15
C LYS A 161 -3.18 -14.34 -12.92
N GLY A 162 -2.07 -13.61 -12.80
CA GLY A 162 -1.85 -12.43 -13.62
C GLY A 162 -2.14 -11.13 -12.87
N ARG A 163 -1.85 -10.02 -13.56
CA ARG A 163 -1.95 -8.71 -12.93
C ARG A 163 -3.41 -8.35 -12.63
N ALA A 164 -4.32 -8.66 -13.56
CA ALA A 164 -5.73 -8.37 -13.33
C ALA A 164 -6.24 -9.06 -12.07
N ALA A 165 -5.83 -10.31 -11.85
CA ALA A 165 -6.29 -11.01 -10.66
C ALA A 165 -5.70 -10.42 -9.40
N LEU A 166 -4.45 -9.93 -9.46
CA LEU A 166 -3.88 -9.22 -8.32
C LEU A 166 -4.67 -7.96 -8.01
N VAL A 167 -5.10 -7.25 -9.05
CA VAL A 167 -5.81 -5.99 -8.84
C VAL A 167 -7.20 -6.24 -8.29
N ARG A 168 -7.90 -7.25 -8.82
CA ARG A 168 -9.23 -7.60 -8.33
C ARG A 168 -9.23 -7.95 -6.86
N SER A 169 -8.06 -8.32 -6.29
CA SER A 169 -7.93 -8.72 -4.89
C SER A 169 -7.68 -7.55 -3.96
N LEU A 170 -7.43 -6.35 -4.48
CA LEU A 170 -7.25 -5.18 -3.64
C LEU A 170 -8.58 -4.71 -3.08
C1 EDO B . 0.31 -2.31 -21.42
O1 EDO B . 1.16 -2.49 -22.56
C2 EDO B . 0.73 -1.08 -20.62
O2 EDO B . 0.33 -1.19 -19.25
#